data_1AM1
#
_entry.id   1AM1
#
_cell.length_a   73.910
_cell.length_b   73.910
_cell.length_c   110.970
_cell.angle_alpha   90.00
_cell.angle_beta   90.00
_cell.angle_gamma   90.00
#
_symmetry.space_group_name_H-M   'P 43 2 2'
#
loop_
_entity.id
_entity.type
_entity.pdbx_description
1 polymer 'HEAT SHOCK PROTEIN 90'
2 non-polymer "ADENOSINE-5'-DIPHOSPHATE"
3 water water
#
_entity_poly.entity_id   1
_entity_poly.type   'polypeptide(L)'
_entity_poly.pdbx_seq_one_letter_code
;ASETFEFQAEITQLMSLIINTVYSNKEIFLRELISNASDALDKIRYKSLSDPKQLETEPDLFIRITPKPEQKVLEIRDSG
IGMTKAELINNLGTIAKSGTKAFMEALSAGADVSMIGQFGVGFYSLFLVADRVQVISKSNDDEQYIWESNAGGSFTVTLD
EVNERIGRGTILRLFLKDDQLEYLEEKRIKEVIKRHSEFVAYPIQLVVTKEVE
;
_entity_poly.pdbx_strand_id   A
#
loop_
_chem_comp.id
_chem_comp.type
_chem_comp.name
_chem_comp.formula
ADP non-polymer ADENOSINE-5'-DIPHOSPHATE 'C10 H15 N5 O10 P2'
#
# COMPACT_ATOMS: atom_id res chain seq x y z
N ALA A 1 9.46 -21.56 2.41
CA ALA A 1 10.19 -21.11 1.19
C ALA A 1 9.35 -20.11 0.40
N SER A 2 10.03 -19.20 -0.29
CA SER A 2 9.36 -18.18 -1.09
C SER A 2 9.03 -18.70 -2.47
N GLU A 3 8.02 -18.11 -3.10
CA GLU A 3 7.64 -18.47 -4.46
C GLU A 3 7.82 -17.19 -5.25
N THR A 4 8.39 -17.31 -6.44
CA THR A 4 8.64 -16.16 -7.29
C THR A 4 7.68 -16.12 -8.46
N PHE A 5 7.22 -14.93 -8.79
CA PHE A 5 6.28 -14.71 -9.89
C PHE A 5 6.75 -13.58 -10.80
N GLU A 6 6.31 -13.61 -12.04
CA GLU A 6 6.69 -12.57 -12.98
C GLU A 6 5.59 -11.53 -13.03
N PHE A 7 5.98 -10.25 -13.09
CA PHE A 7 5.03 -9.15 -13.17
C PHE A 7 4.54 -9.09 -14.62
N GLN A 8 3.32 -8.63 -14.83
CA GLN A 8 2.82 -8.48 -16.18
C GLN A 8 3.73 -7.37 -16.74
N ALA A 9 4.25 -7.56 -17.95
CA ALA A 9 5.18 -6.61 -18.57
C ALA A 9 4.90 -5.12 -18.41
N GLU A 10 3.65 -4.70 -18.63
CA GLU A 10 3.32 -3.28 -18.50
C GLU A 10 3.44 -2.76 -17.07
N ILE A 11 3.20 -3.63 -16.10
CA ILE A 11 3.31 -3.22 -14.70
C ILE A 11 4.79 -2.94 -14.42
N THR A 12 5.66 -3.80 -14.92
CA THR A 12 7.09 -3.64 -14.74
C THR A 12 7.53 -2.30 -15.33
N GLN A 13 6.96 -1.96 -16.49
CA GLN A 13 7.27 -0.70 -17.16
C GLN A 13 6.81 0.47 -16.31
N LEU A 14 5.58 0.39 -15.81
CA LEU A 14 5.05 1.47 -14.98
C LEU A 14 5.95 1.66 -13.75
N MET A 15 6.33 0.56 -13.11
CA MET A 15 7.18 0.65 -11.92
C MET A 15 8.51 1.31 -12.22
N SER A 16 9.14 0.92 -13.32
CA SER A 16 10.41 1.51 -13.69
C SER A 16 10.21 3.01 -13.89
N LEU A 17 9.13 3.36 -14.57
CA LEU A 17 8.79 4.73 -14.85
C LEU A 17 8.57 5.56 -13.57
N ILE A 18 7.87 4.98 -12.60
CA ILE A 18 7.58 5.67 -11.35
C ILE A 18 8.80 5.83 -10.44
N ILE A 19 9.52 4.74 -10.20
CA ILE A 19 10.68 4.80 -9.32
C ILE A 19 11.78 5.72 -9.83
N ASN A 20 11.79 5.97 -11.13
CA ASN A 20 12.80 6.83 -11.73
C ASN A 20 12.35 8.27 -11.99
N THR A 21 11.05 8.52 -11.99
CA THR A 21 10.54 9.87 -12.26
C THR A 21 11.03 10.91 -11.26
N VAL A 22 11.40 12.08 -11.80
CA VAL A 22 11.87 13.18 -10.97
C VAL A 22 10.71 14.08 -10.54
N TYR A 23 9.48 13.57 -10.70
CA TYR A 23 8.27 14.28 -10.33
C TYR A 23 8.45 15.03 -9.00
N SER A 24 7.82 16.19 -8.87
CA SER A 24 7.97 17.01 -7.67
C SER A 24 6.94 16.83 -6.55
N ASN A 25 5.79 16.24 -6.85
CA ASN A 25 4.74 16.06 -5.86
C ASN A 25 4.66 14.60 -5.36
N LYS A 26 5.79 14.08 -4.88
CA LYS A 26 5.88 12.70 -4.40
C LYS A 26 4.96 12.34 -3.24
N GLU A 27 4.59 13.35 -2.45
CA GLU A 27 3.71 13.15 -1.30
C GLU A 27 2.38 12.50 -1.65
N ILE A 28 1.99 12.54 -2.92
CA ILE A 28 0.71 11.95 -3.33
C ILE A 28 0.57 10.46 -3.07
N PHE A 29 1.69 9.77 -2.82
CA PHE A 29 1.65 8.33 -2.58
C PHE A 29 0.79 7.99 -1.34
N LEU A 30 0.86 8.83 -0.33
CA LEU A 30 0.10 8.62 0.90
C LEU A 30 -1.40 8.69 0.66
N ARG A 31 -1.83 9.66 -0.13
CA ARG A 31 -3.25 9.79 -0.43
C ARG A 31 -3.74 8.54 -1.16
N GLU A 32 -2.92 8.01 -2.08
CA GLU A 32 -3.31 6.83 -2.84
C GLU A 32 -3.39 5.58 -1.97
N LEU A 33 -2.44 5.40 -1.05
CA LEU A 33 -2.45 4.24 -0.17
C LEU A 33 -3.54 4.33 0.89
N ILE A 34 -3.85 5.55 1.35
CA ILE A 34 -4.90 5.71 2.35
C ILE A 34 -6.23 5.44 1.65
N SER A 35 -6.32 5.86 0.40
CA SER A 35 -7.53 5.65 -0.39
C SER A 35 -7.77 4.14 -0.59
N ASN A 36 -6.71 3.39 -0.88
CA ASN A 36 -6.79 1.94 -1.07
C ASN A 36 -7.18 1.27 0.23
N ALA A 37 -6.65 1.80 1.33
CA ALA A 37 -6.93 1.26 2.65
C ALA A 37 -8.41 1.46 2.94
N SER A 38 -8.91 2.68 2.67
CA SER A 38 -10.31 3.00 2.89
C SER A 38 -11.22 2.08 2.07
N ASP A 39 -10.81 1.79 0.84
CA ASP A 39 -11.59 0.91 -0.03
C ASP A 39 -11.64 -0.49 0.56
N ALA A 40 -10.52 -0.98 1.08
CA ALA A 40 -10.46 -2.32 1.66
C ALA A 40 -11.36 -2.40 2.88
N LEU A 41 -11.42 -1.29 3.64
CA LEU A 41 -12.27 -1.24 4.83
C LEU A 41 -13.74 -1.22 4.42
N ASP A 42 -14.06 -0.53 3.32
CA ASP A 42 -15.44 -0.46 2.82
C ASP A 42 -15.91 -1.86 2.46
N LYS A 43 -15.02 -2.63 1.84
CA LYS A 43 -15.34 -3.98 1.42
C LYS A 43 -15.65 -4.94 2.56
N ILE A 44 -14.87 -4.93 3.64
CA ILE A 44 -15.17 -5.83 4.74
C ILE A 44 -16.48 -5.39 5.43
N ARG A 45 -16.71 -4.08 5.53
CA ARG A 45 -17.93 -3.58 6.14
C ARG A 45 -19.15 -4.01 5.34
N TYR A 46 -19.03 -3.89 4.01
CA TYR A 46 -20.14 -4.28 3.13
C TYR A 46 -20.40 -5.80 3.20
N LYS A 47 -19.32 -6.58 3.13
CA LYS A 47 -19.44 -8.02 3.21
C LYS A 47 -20.11 -8.42 4.53
N SER A 48 -19.76 -7.72 5.61
CA SER A 48 -20.30 -8.00 6.93
C SER A 48 -21.79 -7.77 7.07
N LEU A 49 -22.38 -7.06 6.11
CA LEU A 49 -23.82 -6.77 6.13
C LEU A 49 -24.62 -8.07 6.11
N SER A 50 -24.11 -9.07 5.40
CA SER A 50 -24.79 -10.36 5.29
C SER A 50 -23.98 -11.48 5.92
N ASP A 51 -22.82 -11.13 6.46
CA ASP A 51 -21.93 -12.11 7.09
C ASP A 51 -21.22 -11.37 8.23
N PRO A 52 -21.96 -11.02 9.29
CA PRO A 52 -21.41 -10.31 10.45
C PRO A 52 -20.16 -10.92 11.10
N LYS A 53 -20.07 -12.25 11.10
CA LYS A 53 -18.94 -12.96 11.69
C LYS A 53 -17.59 -12.53 11.12
N GLN A 54 -17.60 -12.06 9.87
CA GLN A 54 -16.38 -11.63 9.21
C GLN A 54 -15.66 -10.50 9.94
N LEU A 55 -16.37 -9.79 10.80
CA LEU A 55 -15.82 -8.67 11.55
C LEU A 55 -15.06 -9.09 12.81
N GLU A 56 -15.44 -10.24 13.37
CA GLU A 56 -14.85 -10.73 14.60
C GLU A 56 -13.33 -10.94 14.64
N THR A 57 -12.70 -11.13 13.48
CA THR A 57 -11.26 -11.35 13.44
C THR A 57 -10.51 -10.06 13.81
N GLU A 58 -11.23 -8.93 13.73
CA GLU A 58 -10.67 -7.62 14.05
C GLU A 58 -11.83 -6.63 14.00
N PRO A 59 -12.58 -6.52 15.09
CA PRO A 59 -13.73 -5.62 15.19
C PRO A 59 -13.44 -4.14 14.93
N ASP A 60 -12.21 -3.69 15.17
CA ASP A 60 -11.86 -2.28 14.97
C ASP A 60 -11.49 -1.96 13.52
N LEU A 61 -12.20 -1.00 12.94
CA LEU A 61 -11.95 -0.57 11.56
C LEU A 61 -11.11 0.70 11.60
N PHE A 62 -9.88 0.62 11.11
CA PHE A 62 -8.99 1.78 11.16
C PHE A 62 -7.92 1.74 10.09
N ILE A 63 -7.21 2.86 9.98
CA ILE A 63 -6.08 3.03 9.08
C ILE A 63 -5.01 3.51 10.06
N ARG A 64 -3.83 2.90 10.03
CA ARG A 64 -2.76 3.27 10.96
C ARG A 64 -1.44 3.47 10.24
N ILE A 65 -0.76 4.57 10.55
CA ILE A 65 0.51 4.90 9.94
C ILE A 65 1.61 4.81 11.01
N THR A 66 2.60 3.97 10.76
CA THR A 66 3.68 3.75 11.72
C THR A 66 5.07 3.93 11.16
N PRO A 67 5.75 5.03 11.52
CA PRO A 67 7.11 5.25 11.03
C PRO A 67 8.08 4.39 11.86
N LYS A 68 9.08 3.83 11.19
CA LYS A 68 10.10 3.02 11.84
C LYS A 68 11.43 3.59 11.38
N PRO A 69 11.84 4.70 12.00
CA PRO A 69 13.07 5.44 11.70
C PRO A 69 14.31 4.59 11.53
N GLU A 70 14.63 3.79 12.55
CA GLU A 70 15.80 2.94 12.51
C GLU A 70 15.89 2.11 11.24
N GLN A 71 14.77 1.53 10.82
CA GLN A 71 14.76 0.72 9.62
C GLN A 71 14.46 1.52 8.36
N LYS A 72 14.23 2.82 8.52
CA LYS A 72 13.90 3.70 7.40
C LYS A 72 12.69 3.10 6.69
N VAL A 73 11.71 2.71 7.49
CA VAL A 73 10.50 2.10 6.97
C VAL A 73 9.26 2.88 7.41
N LEU A 74 8.24 2.91 6.56
CA LEU A 74 6.98 3.56 6.88
C LEU A 74 5.90 2.53 6.57
N GLU A 75 5.04 2.26 7.55
CA GLU A 75 4.00 1.28 7.36
C GLU A 75 2.63 1.93 7.31
N ILE A 76 1.81 1.50 6.35
CA ILE A 76 0.44 1.99 6.23
C ILE A 76 -0.40 0.74 6.36
N ARG A 77 -1.14 0.67 7.47
CA ARG A 77 -1.95 -0.49 7.78
C ARG A 77 -3.46 -0.20 7.78
N ASP A 78 -4.24 -1.24 7.50
CA ASP A 78 -5.69 -1.13 7.53
C ASP A 78 -6.24 -2.46 8.04
N SER A 79 -7.42 -2.45 8.64
CA SER A 79 -8.04 -3.68 9.11
C SER A 79 -9.18 -3.98 8.13
N GLY A 80 -8.90 -3.78 6.84
CA GLY A 80 -9.88 -4.02 5.80
C GLY A 80 -10.02 -5.49 5.44
N ILE A 81 -10.51 -5.75 4.23
CA ILE A 81 -10.74 -7.12 3.77
C ILE A 81 -9.51 -8.02 3.64
N GLY A 82 -8.34 -7.44 3.42
CA GLY A 82 -7.14 -8.25 3.28
C GLY A 82 -7.10 -8.98 1.96
N MET A 83 -5.99 -9.68 1.73
CA MET A 83 -5.79 -10.43 0.51
C MET A 83 -5.24 -11.84 0.77
N THR A 84 -5.87 -12.85 0.18
CA THR A 84 -5.42 -14.24 0.33
C THR A 84 -4.19 -14.37 -0.55
N LYS A 85 -3.51 -15.51 -0.49
CA LYS A 85 -2.33 -15.71 -1.32
C LYS A 85 -2.66 -15.50 -2.81
N ALA A 86 -3.74 -16.12 -3.26
CA ALA A 86 -4.16 -16.03 -4.66
C ALA A 86 -4.42 -14.57 -5.06
N GLU A 87 -5.07 -13.83 -4.17
CA GLU A 87 -5.36 -12.42 -4.44
C GLU A 87 -4.11 -11.56 -4.55
N LEU A 88 -3.12 -11.84 -3.69
CA LEU A 88 -1.87 -11.07 -3.72
C LEU A 88 -1.22 -11.27 -5.09
N ILE A 89 -1.11 -12.53 -5.51
CA ILE A 89 -0.51 -12.87 -6.80
C ILE A 89 -1.30 -12.25 -7.95
N ASN A 90 -2.61 -12.38 -7.88
CA ASN A 90 -3.52 -11.88 -8.88
C ASN A 90 -3.63 -10.35 -8.94
N ASN A 91 -4.03 -9.76 -7.83
CA ASN A 91 -4.22 -8.31 -7.71
C ASN A 91 -2.99 -7.42 -7.78
N LEU A 92 -1.83 -7.92 -7.35
CA LEU A 92 -0.64 -7.08 -7.35
C LEU A 92 0.48 -7.47 -8.32
N GLY A 93 0.16 -7.93 -9.51
CA GLY A 93 1.26 -8.24 -10.41
C GLY A 93 1.09 -9.10 -11.64
N THR A 94 0.59 -10.31 -11.50
CA THR A 94 0.45 -11.20 -12.64
C THR A 94 -0.65 -10.87 -13.66
N ILE A 95 -1.73 -10.25 -13.23
CA ILE A 95 -2.81 -9.92 -14.14
C ILE A 95 -2.67 -8.51 -14.74
N ALA A 96 -2.99 -8.39 -16.02
CA ALA A 96 -2.92 -7.11 -16.70
C ALA A 96 -3.95 -6.17 -16.09
N LYS A 97 -3.54 -4.93 -15.80
CA LYS A 97 -4.46 -3.95 -15.23
C LYS A 97 -4.88 -2.96 -16.31
N SER A 98 -6.18 -2.79 -16.48
CA SER A 98 -6.74 -1.90 -17.51
C SER A 98 -6.02 -0.58 -17.72
N GLY A 99 -5.92 0.23 -16.66
CA GLY A 99 -5.30 1.53 -16.78
C GLY A 99 -3.79 1.64 -16.92
N THR A 100 -3.05 0.58 -16.62
CA THR A 100 -1.59 0.60 -16.70
C THR A 100 -1.03 1.31 -17.93
N LYS A 101 -1.29 0.76 -19.11
CA LYS A 101 -0.81 1.36 -20.34
C LYS A 101 -1.42 2.74 -20.60
N ALA A 102 -2.71 2.87 -20.32
CA ALA A 102 -3.43 4.13 -20.50
C ALA A 102 -2.78 5.27 -19.71
N PHE A 103 -2.44 4.99 -18.45
CA PHE A 103 -1.81 5.98 -17.59
C PHE A 103 -0.43 6.38 -18.09
N MET A 104 0.36 5.41 -18.53
CA MET A 104 1.68 5.69 -19.05
C MET A 104 1.59 6.57 -20.30
N GLU A 105 0.58 6.30 -21.13
CA GLU A 105 0.37 7.09 -22.34
C GLU A 105 -0.05 8.50 -21.94
N ALA A 106 -0.94 8.59 -20.96
CA ALA A 106 -1.39 9.90 -20.49
C ALA A 106 -0.18 10.66 -19.96
N LEU A 107 0.66 9.96 -19.19
CA LEU A 107 1.86 10.57 -18.64
C LEU A 107 2.73 11.16 -19.75
N SER A 108 2.93 10.40 -20.81
CA SER A 108 3.73 10.87 -21.93
C SER A 108 3.15 12.12 -22.55
N ALA A 109 1.83 12.27 -22.50
CA ALA A 109 1.15 13.42 -23.08
C ALA A 109 1.25 14.65 -22.20
N GLY A 110 1.70 14.47 -20.96
CA GLY A 110 1.84 15.61 -20.07
C GLY A 110 0.96 15.53 -18.83
N ALA A 111 0.26 14.42 -18.66
CA ALA A 111 -0.63 14.22 -17.52
C ALA A 111 0.14 14.26 -16.21
N ASP A 112 -0.50 14.78 -15.18
CA ASP A 112 0.11 14.86 -13.86
C ASP A 112 0.16 13.46 -13.25
N VAL A 113 1.28 13.14 -12.61
CA VAL A 113 1.44 11.83 -11.98
C VAL A 113 0.33 11.60 -10.95
N SER A 114 -0.18 12.68 -10.36
CA SER A 114 -1.24 12.56 -9.36
C SER A 114 -2.50 11.89 -9.89
N MET A 115 -2.63 11.80 -11.22
CA MET A 115 -3.80 11.17 -11.82
C MET A 115 -3.76 9.66 -11.70
N ILE A 116 -2.63 9.12 -11.26
CA ILE A 116 -2.45 7.67 -11.14
C ILE A 116 -3.65 6.93 -10.53
N GLY A 117 -4.24 7.47 -9.48
CA GLY A 117 -5.36 6.79 -8.85
C GLY A 117 -6.60 6.68 -9.72
N GLN A 118 -6.82 7.68 -10.56
CA GLN A 118 -7.99 7.67 -11.45
C GLN A 118 -7.86 6.62 -12.55
N PHE A 119 -6.62 6.16 -12.77
CA PHE A 119 -6.37 5.14 -13.77
C PHE A 119 -6.37 3.75 -13.12
N GLY A 120 -6.63 3.72 -11.81
CA GLY A 120 -6.70 2.46 -11.09
C GLY A 120 -5.39 1.78 -10.76
N VAL A 121 -4.29 2.52 -10.76
CA VAL A 121 -3.00 1.92 -10.45
C VAL A 121 -2.26 2.71 -9.38
N GLY A 122 -3.03 3.35 -8.50
CA GLY A 122 -2.46 4.16 -7.44
C GLY A 122 -1.52 3.45 -6.49
N PHE A 123 -1.68 2.13 -6.36
CA PHE A 123 -0.81 1.37 -5.47
C PHE A 123 0.66 1.60 -5.81
N TYR A 124 0.99 1.54 -7.09
CA TYR A 124 2.36 1.70 -7.55
C TYR A 124 2.97 3.08 -7.33
N SER A 125 2.16 4.03 -6.85
CA SER A 125 2.65 5.38 -6.58
C SER A 125 3.63 5.32 -5.40
N LEU A 126 3.63 4.20 -4.69
CA LEU A 126 4.52 4.02 -3.54
C LEU A 126 5.98 4.04 -3.97
N PHE A 127 6.25 3.67 -5.22
CA PHE A 127 7.62 3.65 -5.69
C PHE A 127 8.16 5.06 -5.91
N LEU A 128 7.34 6.05 -5.62
CA LEU A 128 7.76 7.44 -5.74
C LEU A 128 8.71 7.73 -4.57
N VAL A 129 8.45 7.12 -3.42
CA VAL A 129 9.28 7.34 -2.22
C VAL A 129 9.99 6.10 -1.67
N ALA A 130 9.69 4.92 -2.21
CA ALA A 130 10.31 3.69 -1.72
C ALA A 130 10.89 2.88 -2.88
N ASP A 131 11.99 2.18 -2.63
CA ASP A 131 12.61 1.36 -3.66
C ASP A 131 12.31 -0.11 -3.42
N ARG A 132 11.63 -0.40 -2.33
CA ARG A 132 11.28 -1.77 -1.97
C ARG A 132 10.01 -1.74 -1.13
N VAL A 133 9.18 -2.77 -1.26
CA VAL A 133 7.94 -2.83 -0.49
C VAL A 133 7.53 -4.25 -0.16
N GLN A 134 7.01 -4.43 1.05
CA GLN A 134 6.51 -5.73 1.49
C GLN A 134 5.05 -5.49 1.80
N VAL A 135 4.17 -6.30 1.20
CA VAL A 135 2.75 -6.19 1.47
C VAL A 135 2.39 -7.40 2.33
N ILE A 136 2.10 -7.14 3.61
CA ILE A 136 1.73 -8.19 4.56
C ILE A 136 0.21 -8.18 4.66
N SER A 137 -0.43 -9.30 4.33
CA SER A 137 -1.88 -9.33 4.37
C SER A 137 -2.48 -10.57 4.99
N LYS A 138 -3.61 -10.38 5.65
CA LYS A 138 -4.32 -11.47 6.28
C LYS A 138 -5.80 -11.31 5.92
N SER A 139 -6.30 -12.22 5.09
CA SER A 139 -7.71 -12.22 4.72
C SER A 139 -8.33 -13.30 5.58
N ASN A 140 -9.59 -13.15 5.96
CA ASN A 140 -10.25 -14.17 6.77
C ASN A 140 -10.20 -15.51 6.04
N ASP A 141 -10.06 -15.45 4.72
CA ASP A 141 -10.03 -16.65 3.88
C ASP A 141 -8.69 -17.34 3.68
N ASP A 142 -7.63 -16.85 4.31
CA ASP A 142 -6.33 -17.46 4.13
C ASP A 142 -5.40 -17.16 5.30
N GLU A 143 -4.18 -17.66 5.20
CA GLU A 143 -3.16 -17.43 6.23
C GLU A 143 -2.56 -16.07 5.94
N GLN A 144 -1.66 -15.63 6.80
CA GLN A 144 -0.99 -14.36 6.60
C GLN A 144 0.17 -14.62 5.63
N TYR A 145 0.26 -13.77 4.60
CA TYR A 145 1.28 -13.89 3.57
C TYR A 145 2.02 -12.59 3.31
N ILE A 146 3.24 -12.70 2.82
CA ILE A 146 4.07 -11.54 2.50
C ILE A 146 4.37 -11.51 1.01
N TRP A 147 3.98 -10.42 0.36
CA TRP A 147 4.24 -10.20 -1.07
C TRP A 147 5.36 -9.16 -1.05
N GLU A 148 6.41 -9.36 -1.83
CA GLU A 148 7.51 -8.39 -1.82
C GLU A 148 8.03 -8.04 -3.20
N SER A 149 8.32 -6.76 -3.41
CA SER A 149 8.83 -6.27 -4.69
C SER A 149 9.86 -5.15 -4.53
N ASN A 150 10.79 -5.08 -5.48
CA ASN A 150 11.82 -4.04 -5.50
C ASN A 150 11.72 -3.31 -6.84
N ALA A 151 10.51 -3.28 -7.40
CA ALA A 151 10.23 -2.65 -8.68
C ALA A 151 10.85 -3.40 -9.85
N GLY A 152 11.42 -4.56 -9.59
CA GLY A 152 12.02 -5.35 -10.66
C GLY A 152 10.89 -6.08 -11.37
N GLY A 153 11.23 -6.93 -12.34
CA GLY A 153 10.21 -7.65 -13.07
C GLY A 153 9.56 -8.85 -12.38
N SER A 154 10.03 -9.19 -11.18
CA SER A 154 9.46 -10.32 -10.46
C SER A 154 9.23 -10.01 -8.99
N PHE A 155 8.29 -10.74 -8.39
CA PHE A 155 7.99 -10.56 -6.97
C PHE A 155 7.87 -11.92 -6.30
N THR A 156 7.95 -11.92 -4.98
CA THR A 156 7.83 -13.17 -4.24
C THR A 156 6.64 -13.12 -3.27
N VAL A 157 6.16 -14.31 -2.92
CA VAL A 157 5.06 -14.43 -1.98
C VAL A 157 5.51 -15.52 -1.03
N THR A 158 5.47 -15.21 0.26
CA THR A 158 5.92 -16.16 1.28
C THR A 158 4.95 -16.22 2.46
N LEU A 159 4.66 -17.44 2.91
CA LEU A 159 3.78 -17.62 4.07
C LEU A 159 4.48 -16.85 5.20
N ASP A 160 3.73 -16.00 5.90
CA ASP A 160 4.29 -15.17 6.97
C ASP A 160 4.57 -15.87 8.28
N GLU A 161 5.84 -15.94 8.63
CA GLU A 161 6.31 -16.60 9.84
C GLU A 161 7.26 -15.65 10.57
N VAL A 162 7.28 -14.38 10.17
CA VAL A 162 8.22 -13.43 10.77
C VAL A 162 7.66 -12.09 11.25
N ASN A 163 6.42 -11.76 10.88
CA ASN A 163 5.81 -10.50 11.29
C ASN A 163 4.72 -10.67 12.32
N GLU A 164 4.38 -9.57 13.00
CA GLU A 164 3.33 -9.60 13.99
C GLU A 164 2.07 -10.13 13.33
N ARG A 165 1.22 -10.79 14.10
CA ARG A 165 -0.03 -11.31 13.57
C ARG A 165 -1.01 -10.17 13.35
N ILE A 166 -1.61 -10.13 12.16
CA ILE A 166 -2.62 -9.14 11.85
C ILE A 166 -3.95 -9.88 12.04
N GLY A 167 -4.88 -9.31 12.80
CA GLY A 167 -6.15 -9.99 12.98
C GLY A 167 -6.76 -10.16 11.60
N ARG A 168 -6.79 -9.06 10.87
CA ARG A 168 -7.31 -9.04 9.52
C ARG A 168 -6.87 -7.73 8.88
N GLY A 169 -6.55 -7.75 7.60
CA GLY A 169 -6.15 -6.52 6.95
C GLY A 169 -4.85 -6.58 6.20
N THR A 170 -4.30 -5.42 5.91
CA THR A 170 -3.08 -5.33 5.13
C THR A 170 -2.11 -4.29 5.67
N ILE A 171 -0.83 -4.57 5.53
CA ILE A 171 0.21 -3.63 5.95
C ILE A 171 1.08 -3.38 4.73
N LEU A 172 1.21 -2.11 4.35
CA LEU A 172 2.09 -1.79 3.25
C LEU A 172 3.35 -1.31 3.94
N ARG A 173 4.41 -2.13 3.92
CA ARG A 173 5.69 -1.80 4.54
C ARG A 173 6.63 -1.20 3.51
N LEU A 174 6.73 0.12 3.49
CA LEU A 174 7.57 0.83 2.54
C LEU A 174 8.97 1.08 3.05
N PHE A 175 9.96 0.63 2.27
CA PHE A 175 11.37 0.83 2.60
C PHE A 175 11.76 2.09 1.83
N LEU A 176 11.64 3.22 2.52
CA LEU A 176 11.92 4.53 1.94
C LEU A 176 13.29 4.75 1.33
N LYS A 177 13.33 5.54 0.25
CA LYS A 177 14.58 5.88 -0.42
C LYS A 177 15.32 6.80 0.54
N ASP A 178 16.64 6.87 0.41
CA ASP A 178 17.46 7.70 1.30
C ASP A 178 17.13 9.19 1.30
N ASP A 179 16.60 9.72 0.20
CA ASP A 179 16.27 11.13 0.15
C ASP A 179 14.79 11.39 0.43
N GLN A 180 14.08 10.36 0.86
CA GLN A 180 12.64 10.51 1.15
C GLN A 180 12.31 10.23 2.61
N LEU A 181 13.30 10.37 3.48
CA LEU A 181 13.12 10.09 4.89
C LEU A 181 12.26 11.10 5.65
N GLU A 182 11.81 12.15 4.97
CA GLU A 182 10.98 13.15 5.62
C GLU A 182 9.62 12.57 5.98
N TYR A 183 9.26 11.47 5.33
CA TYR A 183 7.96 10.84 5.58
C TYR A 183 7.97 9.94 6.82
N LEU A 184 9.05 10.04 7.59
CA LEU A 184 9.18 9.29 8.84
C LEU A 184 8.85 10.28 9.95
N GLU A 185 8.92 11.57 9.62
CA GLU A 185 8.66 12.65 10.57
C GLU A 185 7.18 12.95 10.80
N GLU A 186 6.81 12.99 12.08
CA GLU A 186 5.43 13.25 12.48
C GLU A 186 4.77 14.48 11.86
N LYS A 187 5.45 15.61 11.91
CA LYS A 187 4.90 16.86 11.37
C LYS A 187 4.58 16.71 9.89
N ARG A 188 5.54 16.21 9.13
CA ARG A 188 5.41 16.01 7.70
C ARG A 188 4.24 15.07 7.35
N ILE A 189 4.20 13.92 8.02
CA ILE A 189 3.14 12.96 7.78
C ILE A 189 1.78 13.59 8.05
N LYS A 190 1.69 14.32 9.16
CA LYS A 190 0.45 14.98 9.55
C LYS A 190 -0.06 16.00 8.52
N GLU A 191 0.84 16.80 7.96
CA GLU A 191 0.43 17.81 6.99
C GLU A 191 0.00 17.17 5.67
N VAL A 192 0.72 16.12 5.25
CA VAL A 192 0.38 15.45 4.01
C VAL A 192 -1.02 14.82 4.13
N ILE A 193 -1.30 14.22 5.28
CA ILE A 193 -2.57 13.58 5.55
C ILE A 193 -3.72 14.59 5.56
N LYS A 194 -3.57 15.66 6.32
CA LYS A 194 -4.61 16.69 6.42
C LYS A 194 -4.93 17.31 5.06
N ARG A 195 -3.92 17.49 4.24
CA ARG A 195 -4.09 18.10 2.94
C ARG A 195 -4.92 17.33 1.90
N HIS A 196 -4.63 16.06 1.71
CA HIS A 196 -5.35 15.31 0.70
C HIS A 196 -6.22 14.16 1.22
N SER A 197 -6.67 14.22 2.45
CA SER A 197 -7.51 13.14 2.99
C SER A 197 -8.44 13.62 4.11
N GLU A 198 -9.36 14.52 3.79
CA GLU A 198 -10.30 15.05 4.78
C GLU A 198 -11.60 14.26 4.81
N PHE A 199 -11.93 13.60 3.71
CA PHE A 199 -13.18 12.85 3.67
C PHE A 199 -13.01 11.34 3.72
N VAL A 200 -12.26 10.90 4.72
CA VAL A 200 -12.03 9.48 4.95
C VAL A 200 -12.94 9.10 6.10
N ALA A 201 -13.75 8.07 5.91
CA ALA A 201 -14.71 7.62 6.91
C ALA A 201 -14.13 6.88 8.11
N TYR A 202 -12.85 6.54 8.06
CA TYR A 202 -12.23 5.81 9.15
C TYR A 202 -11.17 6.60 9.89
N PRO A 203 -10.96 6.27 11.17
CA PRO A 203 -9.93 7.00 11.92
C PRO A 203 -8.56 6.70 11.32
N ILE A 204 -7.75 7.74 11.16
CA ILE A 204 -6.41 7.55 10.64
C ILE A 204 -5.50 7.79 11.84
N GLN A 205 -4.92 6.70 12.35
CA GLN A 205 -4.05 6.78 13.51
C GLN A 205 -2.58 6.86 13.16
N LEU A 206 -1.89 7.80 13.78
CA LEU A 206 -0.46 7.98 13.57
C LEU A 206 0.21 7.48 14.85
N VAL A 207 1.18 6.58 14.70
CA VAL A 207 1.88 6.02 15.85
C VAL A 207 3.18 6.78 16.03
N VAL A 208 3.29 7.46 17.17
CA VAL A 208 4.46 8.26 17.47
C VAL A 208 5.23 7.72 18.67
N THR A 209 6.55 7.75 18.57
CA THR A 209 7.39 7.28 19.65
C THR A 209 8.08 8.48 20.29
N LYS A 210 7.81 8.72 21.57
CA LYS A 210 8.42 9.84 22.26
C LYS A 210 9.18 9.38 23.50
N GLU A 211 10.40 9.89 23.65
CA GLU A 211 11.22 9.54 24.79
C GLU A 211 10.61 10.23 26.00
N VAL A 212 10.49 9.50 27.10
CA VAL A 212 9.92 10.07 28.31
C VAL A 212 10.93 10.95 29.02
N GLU A 213 10.51 12.17 29.32
CA GLU A 213 11.36 13.16 29.99
C GLU A 213 11.67 12.74 31.43
PB ADP B . -7.20 0.36 -7.56
O1B ADP B . -8.33 -0.40 -8.22
O2B ADP B . -7.44 0.59 -5.96
O3B ADP B . -6.89 1.67 -8.26
PA ADP B . -4.45 -0.33 -7.11
O1A ADP B . -3.57 -0.24 -8.26
O2A ADP B . -4.39 0.89 -6.27
O3A ADP B . -5.94 -0.55 -7.57
O5' ADP B . -4.21 -1.71 -6.30
C5' ADP B . -4.20 -2.94 -7.02
C4' ADP B . -5.22 -3.92 -6.43
O4' ADP B . -4.65 -4.60 -5.29
C3' ADP B . -6.53 -3.31 -5.94
O3' ADP B . -7.56 -3.27 -6.93
C2' ADP B . -6.91 -4.14 -4.76
O2' ADP B . -7.73 -5.26 -5.12
C1' ADP B . -5.59 -4.57 -4.19
N9 ADP B . -5.21 -3.71 -3.00
C8 ADP B . -4.40 -2.65 -2.97
N7 ADP B . -4.32 -2.19 -1.71
C5 ADP B . -5.07 -2.96 -0.93
C6 ADP B . -5.41 -3.01 0.44
N6 ADP B . -4.91 -2.12 1.31
N1 ADP B . -6.25 -4.01 0.91
C2 ADP B . -6.80 -4.94 0.08
N3 ADP B . -6.47 -4.89 -1.23
C4 ADP B . -5.64 -3.94 -1.77
#